data_6DN6
#
_entry.id   6DN6
#
_cell.length_a   41.040
_cell.length_b   61.950
_cell.length_c   84.930
_cell.angle_alpha   90.00
_cell.angle_beta   90.00
_cell.angle_gamma   90.00
#
_symmetry.space_group_name_H-M   'P 21 21 21'
#
loop_
_entity.id
_entity.type
_entity.pdbx_description
1 polymer 'SPRY domain-containing SOCS box protein 2'
2 polymer 'INNN(ABU) cyclic peptide inhibitor'
3 water water
#
loop_
_entity_poly.entity_id
_entity_poly.type
_entity_poly.pdbx_seq_one_letter_code
_entity_poly.pdbx_strand_id
1 'polypeptide(L)'
;MHHHHHHSSGVDLGTENLYFQSMPEGLEELLSAPPPDLGAQRRHGWNPKDCSENIEVKEGGLYFERRPVAQSTDGARGKR
GYSRGLHAWEISWPLEQRGTHAVVGVATALAPLQTDHYAALLGSNSESWGWDIGRGKLYHQSKGPGAPQYPAGTQGEQLE
VPERLLVVLDMEEGTLGYAIGGTYLGPAFRGLKGRTLYPAVSAVWGQCQVRIRYLGE
;
A
2 'polypeptide(L)' INNN(ABU) B
#
loop_
_chem_comp.id
_chem_comp.type
_chem_comp.name
_chem_comp.formula
ABU non-polymer 'GAMMA-AMINO-BUTANOIC ACID' 'C4 H9 N O2'
#
# COMPACT_ATOMS: atom_id res chain seq x y z
N GLU A 16 17.83 -10.45 -11.77
CA GLU A 16 17.61 -11.09 -10.48
C GLU A 16 18.69 -10.70 -9.46
N ASN A 17 19.96 -10.68 -9.90
CA ASN A 17 21.12 -10.29 -9.08
C ASN A 17 20.97 -8.83 -8.66
N LEU A 18 20.61 -7.94 -9.63
CA LEU A 18 20.35 -6.52 -9.44
C LEU A 18 19.31 -6.29 -8.35
N TYR A 19 18.13 -6.96 -8.46
CA TYR A 19 17.09 -6.78 -7.44
C TYR A 19 17.58 -7.29 -6.09
N PHE A 20 18.15 -8.50 -6.06
CA PHE A 20 18.58 -9.08 -4.78
C PHE A 20 19.63 -8.21 -4.07
N GLN A 21 20.59 -7.66 -4.83
CA GLN A 21 21.64 -6.83 -4.25
C GLN A 21 21.09 -5.49 -3.72
N SER A 22 19.84 -5.15 -4.06
CA SER A 22 19.23 -3.89 -3.59
C SER A 22 18.43 -4.09 -2.31
N MET A 23 18.33 -5.33 -1.80
CA MET A 23 17.41 -5.62 -0.68
C MET A 23 17.72 -4.82 0.58
N PRO A 24 16.70 -4.32 1.31
CA PRO A 24 16.97 -3.68 2.62
C PRO A 24 17.69 -4.67 3.55
N GLU A 25 18.51 -4.12 4.42
CA GLU A 25 19.19 -4.91 5.45
C GLU A 25 18.16 -5.61 6.33
N GLY A 26 18.41 -6.86 6.64
CA GLY A 26 17.53 -7.62 7.53
C GLY A 26 16.25 -8.15 6.96
N LEU A 27 16.00 -7.99 5.64
CA LEU A 27 14.72 -8.44 5.10
C LEU A 27 14.52 -9.96 5.14
N GLU A 28 15.57 -10.73 4.77
CA GLU A 28 15.42 -12.20 4.77
C GLU A 28 15.05 -12.74 6.15
N GLU A 29 15.72 -12.25 7.21
CA GLU A 29 15.40 -12.70 8.57
C GLU A 29 14.03 -12.21 9.02
N LEU A 30 13.60 -11.02 8.56
CA LEU A 30 12.26 -10.54 8.94
C LEU A 30 11.22 -11.51 8.35
N LEU A 31 11.38 -11.88 7.08
CA LEU A 31 10.44 -12.75 6.38
C LEU A 31 10.45 -14.22 6.84
N SER A 32 11.59 -14.69 7.40
N SER A 32 11.59 -14.71 7.39
CA SER A 32 11.71 -16.07 7.88
CA SER A 32 11.69 -16.09 7.86
C SER A 32 11.28 -16.24 9.34
C SER A 32 11.26 -16.25 9.32
N ALA A 33 11.16 -15.14 10.08
CA ALA A 33 10.79 -15.13 11.51
C ALA A 33 9.34 -15.61 11.73
N PRO A 34 9.02 -16.18 12.93
CA PRO A 34 7.61 -16.58 13.18
C PRO A 34 6.79 -15.28 13.06
N PRO A 35 5.78 -15.28 12.18
CA PRO A 35 5.06 -14.02 11.92
C PRO A 35 4.35 -13.39 13.12
N PRO A 36 4.27 -12.05 13.15
CA PRO A 36 3.53 -11.38 14.23
C PRO A 36 2.12 -11.96 14.35
N ASP A 37 1.67 -12.19 15.60
CA ASP A 37 0.35 -12.75 15.91
C ASP A 37 -0.80 -11.81 15.53
N LEU A 38 -2.05 -12.27 15.69
CA LEU A 38 -3.20 -11.44 15.30
C LEU A 38 -3.28 -10.10 16.02
N GLY A 39 -2.88 -10.06 17.29
CA GLY A 39 -2.90 -8.80 18.03
C GLY A 39 -1.98 -7.79 17.38
N ALA A 40 -0.75 -8.23 17.01
CA ALA A 40 0.19 -7.33 16.32
C ALA A 40 -0.31 -6.91 14.94
N GLN A 41 -0.91 -7.86 14.18
CA GLN A 41 -1.49 -7.55 12.88
C GLN A 41 -2.61 -6.50 13.02
N ARG A 42 -3.41 -6.59 14.10
CA ARG A 42 -4.50 -5.62 14.29
C ARG A 42 -3.95 -4.24 14.73
N ARG A 43 -2.89 -4.23 15.59
CA ARG A 43 -2.30 -2.97 16.01
C ARG A 43 -1.67 -2.19 14.84
N HIS A 44 -1.17 -2.90 13.83
CA HIS A 44 -0.55 -2.27 12.66
C HIS A 44 -1.50 -2.26 11.45
N GLY A 45 -2.76 -2.70 11.65
CA GLY A 45 -3.73 -2.81 10.57
C GLY A 45 -4.44 -1.53 10.20
N TRP A 46 -5.48 -1.65 9.39
CA TRP A 46 -6.20 -0.47 8.94
C TRP A 46 -6.83 0.26 10.09
N ASN A 47 -6.80 1.58 10.02
CA ASN A 47 -7.32 2.40 11.10
C ASN A 47 -8.77 2.81 10.84
N PRO A 48 -9.76 2.38 11.65
CA PRO A 48 -11.15 2.82 11.41
C PRO A 48 -11.34 4.33 11.60
N LYS A 49 -10.38 4.96 12.29
CA LYS A 49 -10.39 6.40 12.55
C LYS A 49 -9.58 7.21 11.51
N ASP A 50 -9.08 6.52 10.47
CA ASP A 50 -8.27 7.20 9.46
C ASP A 50 -8.44 6.54 8.10
N CYS A 51 -9.68 6.61 7.56
CA CYS A 51 -10.00 6.03 6.27
C CYS A 51 -11.13 6.81 5.67
N SER A 52 -11.35 6.60 4.37
CA SER A 52 -12.51 7.23 3.69
C SER A 52 -13.82 6.93 4.44
N GLU A 53 -14.79 7.85 4.38
CA GLU A 53 -16.12 7.60 4.96
C GLU A 53 -16.82 6.41 4.24
N ASN A 54 -16.34 6.06 3.02
CA ASN A 54 -16.93 4.95 2.23
C ASN A 54 -16.28 3.62 2.54
N ILE A 55 -15.32 3.58 3.50
CA ILE A 55 -14.64 2.33 3.83
C ILE A 55 -15.03 1.91 5.23
N GLU A 56 -15.24 0.60 5.42
CA GLU A 56 -15.54 0.02 6.75
C GLU A 56 -14.33 -0.87 7.09
N VAL A 57 -13.69 -0.63 8.24
CA VAL A 57 -12.57 -1.49 8.67
C VAL A 57 -13.20 -2.66 9.44
N LYS A 58 -12.78 -3.87 9.08
CA LYS A 58 -13.34 -5.09 9.67
C LYS A 58 -12.26 -5.89 10.38
N GLU A 59 -12.69 -6.86 11.20
CA GLU A 59 -11.76 -7.69 11.98
C GLU A 59 -10.71 -6.85 12.78
N GLY A 60 -11.14 -5.66 13.27
CA GLY A 60 -10.27 -4.81 14.10
C GLY A 60 -8.99 -4.35 13.43
N GLY A 61 -9.04 -4.27 12.09
CA GLY A 61 -7.88 -3.79 11.33
C GLY A 61 -7.33 -4.73 10.29
N LEU A 62 -7.69 -6.02 10.33
CA LEU A 62 -7.08 -6.97 9.39
C LEU A 62 -7.47 -6.72 7.93
N TYR A 63 -8.67 -6.21 7.70
CA TYR A 63 -9.04 -5.91 6.31
C TYR A 63 -10.04 -4.79 6.29
N PHE A 64 -10.23 -4.19 5.11
CA PHE A 64 -11.32 -3.19 5.02
C PHE A 64 -12.22 -3.58 3.87
N GLU A 65 -13.45 -3.07 3.86
CA GLU A 65 -14.37 -3.30 2.74
C GLU A 65 -14.85 -1.93 2.26
N ARG A 66 -14.66 -1.64 0.95
CA ARG A 66 -15.15 -0.36 0.43
C ARG A 66 -16.64 -0.55 0.06
N ARG A 67 -17.52 0.32 0.54
CA ARG A 67 -18.93 0.18 0.16
C ARG A 67 -19.10 0.54 -1.32
N PRO A 68 -20.17 0.05 -1.96
CA PRO A 68 -20.41 0.43 -3.36
C PRO A 68 -20.87 1.89 -3.39
N VAL A 69 -20.06 2.76 -3.98
CA VAL A 69 -20.39 4.19 -4.10
C VAL A 69 -19.86 4.58 -5.47
N ALA A 70 -20.72 5.17 -6.30
CA ALA A 70 -20.36 5.54 -7.65
C ALA A 70 -19.43 6.75 -7.66
N GLN A 71 -18.50 6.76 -8.62
CA GLN A 71 -17.61 7.89 -8.92
C GLN A 71 -16.88 8.42 -7.67
N SER A 72 -16.16 7.51 -7.04
CA SER A 72 -15.40 7.82 -5.85
C SER A 72 -14.18 6.93 -5.83
N THR A 73 -13.04 7.47 -5.33
CA THR A 73 -11.84 6.69 -5.04
C THR A 73 -11.63 6.86 -3.55
N ASP A 74 -11.33 5.75 -2.85
CA ASP A 74 -11.34 5.70 -1.39
C ASP A 74 -10.13 4.98 -0.86
N GLY A 75 -9.48 5.61 0.11
CA GLY A 75 -8.26 5.04 0.68
C GLY A 75 -8.34 4.85 2.18
N ALA A 76 -7.32 4.16 2.71
CA ALA A 76 -7.22 3.94 4.14
C ALA A 76 -5.76 4.02 4.52
N ARG A 77 -5.48 4.44 5.74
CA ARG A 77 -4.12 4.36 6.27
C ARG A 77 -4.07 3.32 7.40
N GLY A 78 -2.91 2.74 7.59
CA GLY A 78 -2.67 1.87 8.75
C GLY A 78 -2.63 2.71 10.02
N LYS A 79 -2.82 2.06 11.18
CA LYS A 79 -2.82 2.75 12.47
C LYS A 79 -1.46 3.30 12.88
N ARG A 80 -0.37 2.70 12.39
CA ARG A 80 0.97 3.09 12.82
C ARG A 80 1.76 3.71 11.68
N GLY A 81 2.40 4.85 11.97
CA GLY A 81 3.25 5.53 11.01
C GLY A 81 4.70 5.25 11.34
N TYR A 82 5.51 5.01 10.31
CA TYR A 82 6.91 4.64 10.46
C TYR A 82 7.86 5.71 10.00
N SER A 83 8.84 6.01 10.85
CA SER A 83 9.83 7.04 10.55
C SER A 83 11.25 6.48 10.56
N ARG A 84 11.45 5.27 11.11
CA ARG A 84 12.74 4.60 11.25
C ARG A 84 12.54 3.10 11.14
N GLY A 85 13.63 2.37 10.88
CA GLY A 85 13.57 0.91 10.82
C GLY A 85 13.00 0.33 9.54
N LEU A 86 12.94 -1.02 9.52
CA LEU A 86 12.41 -1.78 8.40
C LEU A 86 11.00 -2.25 8.73
N HIS A 87 10.08 -2.05 7.79
CA HIS A 87 8.67 -2.41 7.97
C HIS A 87 8.17 -3.09 6.71
N ALA A 88 7.52 -4.24 6.88
CA ALA A 88 6.98 -4.91 5.70
C ALA A 88 5.61 -5.45 6.05
N TRP A 89 4.69 -5.44 5.09
CA TRP A 89 3.35 -5.96 5.29
C TRP A 89 2.85 -6.56 4.00
N GLU A 90 2.07 -7.65 4.11
CA GLU A 90 1.50 -8.27 2.91
C GLU A 90 0.12 -7.67 2.69
N ILE A 91 -0.17 -7.27 1.44
CA ILE A 91 -1.50 -6.80 1.07
C ILE A 91 -2.13 -7.96 0.29
N SER A 92 -3.39 -8.32 0.61
CA SER A 92 -4.09 -9.35 -0.13
C SER A 92 -5.32 -8.68 -0.74
N TRP A 93 -5.39 -8.68 -2.06
CA TRP A 93 -6.42 -7.92 -2.78
C TRP A 93 -6.90 -8.77 -3.97
N PRO A 94 -8.08 -9.39 -3.84
CA PRO A 94 -8.57 -10.30 -4.90
C PRO A 94 -8.51 -9.68 -6.28
N LEU A 95 -8.05 -10.45 -7.27
CA LEU A 95 -7.88 -9.95 -8.64
C LEU A 95 -9.18 -9.37 -9.20
N GLU A 96 -10.32 -10.01 -8.92
CA GLU A 96 -11.62 -9.57 -9.44
C GLU A 96 -12.19 -8.34 -8.72
N GLN A 97 -11.49 -7.83 -7.70
CA GLN A 97 -11.98 -6.71 -6.90
C GLN A 97 -11.09 -5.48 -7.04
N ARG A 98 -10.33 -5.39 -8.15
CA ARG A 98 -9.41 -4.29 -8.32
C ARG A 98 -9.99 -3.15 -9.15
N GLY A 99 -10.79 -3.49 -10.16
CA GLY A 99 -11.40 -2.47 -10.99
C GLY A 99 -10.38 -1.64 -11.76
N THR A 100 -10.74 -0.39 -12.02
CA THR A 100 -9.93 0.48 -12.90
C THR A 100 -8.67 1.07 -12.28
N HIS A 101 -8.66 1.28 -10.95
CA HIS A 101 -7.52 1.92 -10.28
C HIS A 101 -7.30 1.27 -8.91
N ALA A 102 -6.31 0.38 -8.83
CA ALA A 102 -5.98 -0.31 -7.57
C ALA A 102 -4.53 0.07 -7.27
N VAL A 103 -4.30 0.89 -6.20
CA VAL A 103 -2.97 1.44 -5.94
C VAL A 103 -2.51 1.06 -4.54
N VAL A 104 -1.27 0.56 -4.40
CA VAL A 104 -0.77 0.11 -3.11
C VAL A 104 0.53 0.85 -2.76
N GLY A 105 0.64 1.35 -1.53
CA GLY A 105 1.88 2.02 -1.14
C GLY A 105 1.84 2.59 0.26
N VAL A 106 2.22 3.85 0.38
CA VAL A 106 2.26 4.53 1.68
C VAL A 106 1.80 5.97 1.53
N ALA A 107 1.51 6.60 2.67
CA ALA A 107 1.10 8.02 2.67
C ALA A 107 1.53 8.67 3.97
N THR A 108 1.76 10.00 3.95
CA THR A 108 1.93 10.72 5.20
C THR A 108 0.48 10.86 5.75
N ALA A 109 0.34 11.40 6.97
CA ALA A 109 -0.96 11.67 7.57
C ALA A 109 -1.75 12.75 6.78
N LEU A 110 -1.09 13.52 5.90
CA LEU A 110 -1.73 14.64 5.18
C LEU A 110 -2.39 14.26 3.85
N ALA A 111 -2.05 13.08 3.29
CA ALA A 111 -2.63 12.71 1.99
C ALA A 111 -4.16 12.59 2.08
N PRO A 112 -4.87 13.10 1.06
CA PRO A 112 -6.33 12.92 1.03
C PRO A 112 -6.70 11.45 0.77
N LEU A 113 -7.78 10.97 1.41
CA LEU A 113 -8.19 9.57 1.27
C LEU A 113 -9.48 9.40 0.52
N GLN A 114 -9.98 10.48 -0.10
CA GLN A 114 -11.20 10.39 -0.90
CA GLN A 114 -11.18 10.36 -0.91
C GLN A 114 -11.12 11.40 -2.03
N THR A 115 -11.65 11.04 -3.20
CA THR A 115 -11.80 11.95 -4.33
C THR A 115 -13.09 11.55 -5.06
N ASP A 116 -13.69 12.52 -5.78
CA ASP A 116 -14.98 12.45 -6.46
CA ASP A 116 -15.01 12.27 -6.39
C ASP A 116 -14.97 11.84 -7.86
N HIS A 117 -14.02 10.96 -8.19
CA HIS A 117 -13.91 10.34 -9.50
C HIS A 117 -12.99 9.14 -9.36
N TYR A 118 -12.94 8.30 -10.39
CA TYR A 118 -12.06 7.13 -10.37
C TYR A 118 -10.66 7.55 -10.80
N ALA A 119 -9.70 7.36 -9.90
CA ALA A 119 -8.32 7.77 -10.17
C ALA A 119 -7.33 6.99 -9.34
N ALA A 120 -6.04 7.17 -9.65
CA ALA A 120 -4.94 6.61 -8.86
C ALA A 120 -4.68 7.69 -7.77
N LEU A 121 -5.62 7.76 -6.78
CA LEU A 121 -5.57 8.77 -5.71
C LEU A 121 -4.27 8.67 -4.90
N LEU A 122 -3.86 7.46 -4.57
CA LEU A 122 -2.61 7.27 -3.84
C LEU A 122 -1.45 7.50 -4.79
N GLY A 123 -0.68 8.55 -4.51
CA GLY A 123 0.45 8.92 -5.37
C GLY A 123 0.13 10.09 -6.31
N SER A 124 -1.09 10.67 -6.22
CA SER A 124 -1.52 11.80 -7.06
C SER A 124 -1.06 13.14 -6.47
N ASN A 125 -0.24 13.11 -5.41
CA ASN A 125 0.19 14.34 -4.73
C ASN A 125 1.54 14.12 -4.07
N SER A 126 2.06 15.14 -3.37
CA SER A 126 3.37 15.04 -2.73
C SER A 126 3.35 14.35 -1.36
N GLU A 127 2.18 13.83 -0.95
CA GLU A 127 2.01 13.20 0.36
C GLU A 127 1.78 11.70 0.29
N SER A 128 1.91 11.11 -0.91
CA SER A 128 1.63 9.69 -1.06
C SER A 128 2.44 9.10 -2.22
N TRP A 129 2.69 7.78 -2.12
CA TRP A 129 3.50 7.05 -3.08
C TRP A 129 2.79 5.73 -3.31
N GLY A 130 2.55 5.41 -4.58
CA GLY A 130 1.80 4.20 -4.90
C GLY A 130 2.21 3.45 -6.13
N TRP A 131 1.97 2.14 -6.12
CA TRP A 131 2.18 1.28 -7.28
C TRP A 131 0.79 0.88 -7.76
N ASP A 132 0.50 1.18 -9.04
CA ASP A 132 -0.75 0.75 -9.65
C ASP A 132 -0.55 -0.74 -9.97
N ILE A 133 -1.24 -1.60 -9.24
CA ILE A 133 -1.04 -3.05 -9.41
C ILE A 133 -1.75 -3.63 -10.64
N GLY A 134 -2.53 -2.79 -11.32
CA GLY A 134 -3.18 -3.21 -12.56
C GLY A 134 -2.37 -2.86 -13.78
N ARG A 135 -1.78 -1.64 -13.79
CA ARG A 135 -1.01 -1.09 -14.93
C ARG A 135 0.52 -1.23 -14.78
N GLY A 136 0.98 -1.44 -13.54
CA GLY A 136 2.41 -1.56 -13.23
C GLY A 136 3.15 -0.24 -13.15
N LYS A 137 2.41 0.88 -13.06
CA LYS A 137 2.99 2.23 -13.00
C LYS A 137 3.21 2.77 -11.58
N LEU A 138 4.23 3.64 -11.38
CA LEU A 138 4.48 4.25 -10.05
C LEU A 138 3.97 5.67 -10.03
N TYR A 139 3.27 6.02 -8.95
CA TYR A 139 2.72 7.36 -8.78
C TYR A 139 3.27 8.05 -7.57
N HIS A 140 3.85 9.23 -7.78
CA HIS A 140 4.25 10.17 -6.72
C HIS A 140 4.14 11.52 -7.40
N GLN A 141 3.30 12.42 -6.84
CA GLN A 141 3.02 13.75 -7.46
C GLN A 141 2.64 13.55 -8.95
N SER A 142 1.82 12.52 -9.27
CA SER A 142 1.47 12.19 -10.65
CA SER A 142 1.47 12.26 -10.66
C SER A 142 -0.01 12.06 -10.90
N LYS A 143 -0.47 12.59 -12.05
CA LYS A 143 -1.88 12.50 -12.46
C LYS A 143 -2.02 11.33 -13.45
N GLY A 144 -0.90 10.64 -13.71
CA GLY A 144 -0.87 9.51 -14.65
C GLY A 144 0.13 9.67 -15.77
N PRO A 145 0.06 10.77 -16.60
CA PRO A 145 1.01 10.90 -17.72
C PRO A 145 2.45 10.98 -17.26
N GLY A 146 3.26 10.08 -17.78
CA GLY A 146 4.68 10.03 -17.46
C GLY A 146 5.04 9.13 -16.30
N ALA A 147 4.04 8.49 -15.67
CA ALA A 147 4.35 7.61 -14.54
C ALA A 147 5.23 6.44 -15.03
N PRO A 148 6.39 6.18 -14.38
CA PRO A 148 7.26 5.08 -14.84
C PRO A 148 6.76 3.69 -14.53
N GLN A 149 7.20 2.71 -15.32
CA GLN A 149 6.86 1.31 -15.11
C GLN A 149 7.75 0.74 -13.99
N TYR A 150 7.19 -0.20 -13.20
CA TYR A 150 7.93 -0.90 -12.15
C TYR A 150 7.51 -2.35 -12.12
N PRO A 151 8.45 -3.32 -11.94
CA PRO A 151 8.07 -4.75 -11.91
C PRO A 151 7.14 -5.15 -10.79
N GLU A 160 2.51 -9.42 -13.94
CA GLU A 160 1.17 -9.53 -13.35
C GLU A 160 1.28 -9.64 -11.82
N VAL A 161 0.50 -8.81 -11.11
CA VAL A 161 0.58 -8.82 -9.66
C VAL A 161 -0.49 -9.81 -9.16
N PRO A 162 -0.08 -10.87 -8.40
CA PRO A 162 -1.05 -11.84 -7.93
C PRO A 162 -1.85 -11.27 -6.77
N GLU A 163 -2.76 -12.10 -6.21
CA GLU A 163 -3.61 -11.66 -5.11
C GLU A 163 -2.81 -11.04 -3.96
N ARG A 164 -1.68 -11.66 -3.60
CA ARG A 164 -0.85 -11.17 -2.50
C ARG A 164 0.40 -10.50 -3.00
N LEU A 165 0.77 -9.40 -2.34
CA LEU A 165 2.06 -8.77 -2.63
C LEU A 165 2.63 -8.25 -1.32
N LEU A 166 3.95 -8.15 -1.26
CA LEU A 166 4.61 -7.61 -0.07
C LEU A 166 5.03 -6.16 -0.32
N VAL A 167 4.78 -5.31 0.68
CA VAL A 167 5.14 -3.90 0.65
C VAL A 167 6.28 -3.74 1.63
N VAL A 168 7.43 -3.18 1.16
CA VAL A 168 8.65 -3.12 1.96
C VAL A 168 9.12 -1.68 2.10
N LEU A 169 9.00 -1.13 3.32
CA LEU A 169 9.36 0.24 3.63
C LEU A 169 10.61 0.26 4.47
N ASP A 170 11.71 0.70 3.86
CA ASP A 170 13.01 0.76 4.52
C ASP A 170 13.23 2.22 4.97
N MET A 171 12.94 2.54 6.25
CA MET A 171 13.10 3.91 6.72
C MET A 171 14.50 4.21 7.23
N GLU A 172 15.43 3.23 7.14
CA GLU A 172 16.83 3.52 7.43
C GLU A 172 17.45 4.13 6.18
N GLU A 173 17.16 3.57 4.98
CA GLU A 173 17.65 4.14 3.71
C GLU A 173 16.66 5.14 3.10
N GLY A 174 15.38 5.02 3.46
CA GLY A 174 14.32 5.88 2.95
C GLY A 174 13.79 5.42 1.60
N THR A 175 13.45 4.11 1.47
CA THR A 175 12.92 3.60 0.22
C THR A 175 11.63 2.83 0.44
N LEU A 176 10.83 2.70 -0.63
CA LEU A 176 9.64 1.85 -0.65
C LEU A 176 9.82 0.94 -1.86
N GLY A 177 9.62 -0.35 -1.65
CA GLY A 177 9.71 -1.34 -2.70
C GLY A 177 8.70 -2.45 -2.46
N TYR A 178 8.67 -3.43 -3.36
CA TYR A 178 7.68 -4.49 -3.25
C TYR A 178 8.29 -5.83 -3.57
N ALA A 179 7.62 -6.89 -3.12
CA ALA A 179 8.01 -8.24 -3.47
C ALA A 179 6.80 -9.02 -3.95
N ILE A 180 7.00 -9.89 -4.94
CA ILE A 180 5.93 -10.77 -5.42
C ILE A 180 6.51 -12.17 -5.45
N GLY A 181 5.76 -13.12 -4.90
CA GLY A 181 6.14 -14.52 -4.91
C GLY A 181 7.49 -14.78 -4.27
N GLY A 182 7.78 -14.03 -3.21
CA GLY A 182 9.02 -14.11 -2.44
C GLY A 182 10.22 -13.37 -2.98
N THR A 183 10.08 -12.69 -4.16
CA THR A 183 11.19 -11.96 -4.80
C THR A 183 11.03 -10.45 -4.66
N TYR A 184 12.03 -9.79 -4.05
CA TYR A 184 12.05 -8.35 -3.92
C TYR A 184 12.34 -7.78 -5.30
N LEU A 185 11.56 -6.77 -5.70
CA LEU A 185 11.63 -6.19 -7.05
C LEU A 185 12.43 -4.88 -7.12
N GLY A 186 13.15 -4.57 -6.06
CA GLY A 186 13.98 -3.36 -6.02
C GLY A 186 13.27 -2.15 -5.45
N PRO A 187 14.00 -1.07 -5.12
CA PRO A 187 13.31 0.13 -4.61
C PRO A 187 12.49 0.76 -5.75
N ALA A 188 11.25 1.11 -5.42
CA ALA A 188 10.36 1.80 -6.34
C ALA A 188 10.48 3.32 -6.13
N PHE A 189 10.59 3.75 -4.86
CA PHE A 189 10.73 5.17 -4.51
C PHE A 189 11.88 5.30 -3.53
N ARG A 190 12.57 6.44 -3.62
CA ARG A 190 13.70 6.80 -2.75
C ARG A 190 13.42 8.17 -2.12
N GLY A 191 14.35 8.60 -1.26
CA GLY A 191 14.28 9.92 -0.65
C GLY A 191 13.20 10.10 0.38
N LEU A 192 12.81 9.00 1.06
CA LEU A 192 11.72 9.04 2.06
C LEU A 192 12.18 9.39 3.48
N LYS A 193 13.50 9.46 3.76
CA LYS A 193 13.94 9.78 5.12
C LYS A 193 13.41 11.12 5.58
N GLY A 194 13.06 11.20 6.86
CA GLY A 194 12.58 12.45 7.45
C GLY A 194 11.08 12.60 7.41
N ARG A 195 10.38 11.54 6.99
CA ARG A 195 8.92 11.55 6.92
CA ARG A 195 8.92 11.52 6.89
C ARG A 195 8.39 10.44 7.83
N THR A 196 7.07 10.51 8.16
CA THR A 196 6.40 9.49 8.98
C THR A 196 5.36 8.92 8.01
N LEU A 197 5.53 7.63 7.64
CA LEU A 197 4.74 7.03 6.58
C LEU A 197 3.88 5.90 7.05
N TYR A 198 2.63 5.88 6.60
CA TYR A 198 1.67 4.87 7.01
C TYR A 198 1.37 3.95 5.84
N PRO A 199 1.13 2.63 6.06
CA PRO A 199 0.61 1.77 4.97
C PRO A 199 -0.64 2.41 4.39
N ALA A 200 -0.83 2.30 3.07
CA ALA A 200 -2.03 2.91 2.47
C ALA A 200 -2.33 2.25 1.15
N VAL A 201 -3.58 2.37 0.74
CA VAL A 201 -4.06 1.93 -0.56
C VAL A 201 -5.14 2.91 -1.01
N SER A 202 -5.39 3.00 -2.31
CA SER A 202 -6.59 3.68 -2.81
C SER A 202 -7.31 2.69 -3.70
N ALA A 203 -8.65 2.62 -3.53
CA ALA A 203 -9.52 1.64 -4.19
C ALA A 203 -10.75 2.27 -4.80
N VAL A 204 -11.30 1.61 -5.82
CA VAL A 204 -12.51 2.10 -6.51
C VAL A 204 -13.62 1.05 -6.62
N TRP A 205 -13.34 -0.20 -6.21
CA TRP A 205 -14.27 -1.30 -6.46
C TRP A 205 -15.30 -1.52 -5.36
N GLY A 206 -16.58 -1.50 -5.75
CA GLY A 206 -17.63 -1.75 -4.79
C GLY A 206 -17.47 -3.11 -4.13
N GLN A 207 -17.49 -3.14 -2.77
CA GLN A 207 -17.39 -4.39 -1.99
C GLN A 207 -15.97 -5.02 -2.04
N CYS A 208 -14.94 -4.28 -2.50
CA CYS A 208 -13.61 -4.89 -2.44
C CYS A 208 -13.21 -5.09 -0.98
N GLN A 209 -12.47 -6.17 -0.72
CA GLN A 209 -11.98 -6.47 0.64
C GLN A 209 -10.48 -6.55 0.55
N VAL A 210 -9.78 -5.60 1.18
CA VAL A 210 -8.32 -5.51 1.09
C VAL A 210 -7.70 -5.80 2.43
N ARG A 211 -6.92 -6.87 2.50
CA ARG A 211 -6.31 -7.32 3.75
C ARG A 211 -4.91 -6.76 3.92
N ILE A 212 -4.50 -6.50 5.19
CA ILE A 212 -3.13 -6.08 5.50
C ILE A 212 -2.61 -7.02 6.60
N ARG A 213 -1.40 -7.57 6.39
CA ARG A 213 -0.80 -8.51 7.33
C ARG A 213 0.60 -7.97 7.64
N TYR A 214 0.73 -7.25 8.75
CA TYR A 214 2.04 -6.71 9.14
C TYR A 214 2.99 -7.84 9.51
N LEU A 215 4.23 -7.80 8.97
CA LEU A 215 5.20 -8.87 9.18
C LEU A 215 6.40 -8.52 10.04
N GLY A 216 6.48 -7.27 10.46
CA GLY A 216 7.60 -6.79 11.25
C GLY A 216 8.18 -5.54 10.61
N GLU A 217 9.21 -4.91 11.23
CA GLU A 217 9.82 -5.33 12.49
C GLU A 217 8.99 -4.96 13.73
N ILE B 1 -19.90 1.34 -13.49
CA ILE B 1 -18.69 0.53 -13.59
C ILE B 1 -18.08 0.38 -12.20
N ASN B 2 -17.00 -0.43 -12.12
CA ASN B 2 -16.30 -0.66 -10.83
C ASN B 2 -17.23 -1.24 -9.77
N ASN B 3 -18.30 -1.97 -10.21
CA ASN B 3 -19.23 -2.63 -9.31
C ASN B 3 -19.95 -1.62 -8.41
N ASN B 4 -20.10 -0.38 -8.89
CA ASN B 4 -20.77 0.70 -8.14
C ASN B 4 -22.08 1.18 -8.82
N ABU B 5 -22.35 0.70 -10.04
CD ABU B 5 -23.55 1.29 -10.77
CB ABU B 5 -23.45 1.10 -12.27
CG ABU B 5 -22.21 1.71 -12.91
C ABU B 5 -20.98 0.83 -12.86
O ABU B 5 -21.01 -0.29 -12.32
#